data_8CD3
#
_entry.id   8CD3
#
_cell.length_a   53.664
_cell.length_b   53.664
_cell.length_c   215.703
_cell.angle_alpha   90.000
_cell.angle_beta   90.000
_cell.angle_gamma   90.000
#
_symmetry.space_group_name_H-M   'I 41 2 2'
#
loop_
_entity.id
_entity.type
_entity.pdbx_description
1 polymer 'Protein scribble homolog'
2 polymer 'Transmembrane and immunoglobulin domain-containing protein 1'
3 water water
#
loop_
_entity_poly.entity_id
_entity_poly.type
_entity_poly.pdbx_seq_one_letter_code
_entity_poly.pdbx_strand_id
1 'polypeptide(L)'
;LLIEPARIEEEELTLTILRQTGGLGISIAGGKGSTPYKGDDEGIFISRVSEEGPAARAGVRVGDKLLEVNGVALQGAEHH
EAVEALRGAGTAVQMRVWRERM
;
B
2 'polypeptide(L)' DPHSETAL A
#
# COMPACT_ATOMS: atom_id res chain seq x y z
N LEU A 1 -18.53 -16.27 32.13
CA LEU A 1 -18.54 -15.36 30.98
C LEU A 1 -17.18 -15.08 30.40
N LEU A 2 -17.15 -14.80 29.11
CA LEU A 2 -15.90 -14.63 28.38
C LEU A 2 -15.54 -13.15 28.32
N ILE A 3 -14.26 -12.87 28.48
CA ILE A 3 -13.75 -11.50 28.40
C ILE A 3 -13.10 -11.35 27.04
N GLU A 4 -13.25 -10.18 26.45
CA GLU A 4 -12.59 -9.97 25.17
C GLU A 4 -11.08 -10.05 25.35
N PRO A 5 -10.36 -10.84 24.54
CA PRO A 5 -8.89 -10.80 24.63
C PRO A 5 -8.38 -9.49 24.06
N ALA A 6 -7.11 -9.22 24.33
CA ALA A 6 -6.42 -8.08 23.74
C ALA A 6 -6.56 -8.15 22.22
N ARG A 7 -6.80 -6.99 21.61
CA ARG A 7 -7.11 -6.93 20.20
C ARG A 7 -6.34 -5.79 19.56
N ILE A 8 -5.62 -6.05 18.49
CA ILE A 8 -4.96 -4.95 17.79
C ILE A 8 -5.96 -4.37 16.80
N GLU A 9 -6.19 -3.07 16.88
CA GLU A 9 -7.22 -2.43 16.07
C GLU A 9 -6.65 -1.85 14.77
N GLU A 10 -5.49 -1.24 14.89
CA GLU A 10 -4.78 -0.72 13.73
C GLU A 10 -3.29 -0.65 14.04
N GLU A 11 -2.51 -0.53 12.96
CA GLU A 11 -1.08 -0.72 13.07
C GLU A 11 -0.45 0.15 11.97
N GLU A 12 0.73 0.68 12.24
CA GLU A 12 1.63 1.15 11.17
C GLU A 12 2.86 0.25 11.16
N LEU A 13 3.29 -0.14 9.97
CA LEU A 13 4.37 -1.11 9.79
C LEU A 13 5.38 -0.52 8.80
N THR A 14 6.64 -0.86 8.97
CA THR A 14 7.65 -0.61 7.92
C THR A 14 7.96 -1.94 7.29
N LEU A 15 7.73 -2.04 5.98
CA LEU A 15 7.92 -3.27 5.22
C LEU A 15 8.93 -3.00 4.10
N THR A 16 9.80 -3.95 3.85
CA THR A 16 10.86 -3.77 2.86
C THR A 16 10.73 -4.85 1.79
N ILE A 17 10.40 -4.42 0.59
CA ILE A 17 10.17 -5.30 -0.57
C ILE A 17 11.46 -5.36 -1.37
N LEU A 18 11.93 -6.57 -1.71
CA LEU A 18 13.05 -6.72 -2.64
C LEU A 18 12.51 -6.96 -4.03
N ARG A 19 12.65 -5.97 -4.91
CA ARG A 19 12.00 -6.01 -6.22
C ARG A 19 12.63 -7.10 -7.06
N GLN A 20 11.81 -7.80 -7.87
CA GLN A 20 12.29 -8.84 -8.78
C GLN A 20 12.16 -8.36 -10.22
N THR A 21 12.73 -9.09 -11.18
CA THR A 21 12.56 -8.61 -12.54
C THR A 21 11.08 -8.44 -12.90
N GLY A 22 10.17 -9.16 -12.26
CA GLY A 22 8.75 -8.98 -12.54
C GLY A 22 8.06 -7.81 -11.87
N GLY A 23 8.76 -7.02 -11.10
CA GLY A 23 8.09 -5.94 -10.39
C GLY A 23 7.95 -6.21 -8.91
N LEU A 24 7.02 -5.48 -8.28
CA LEU A 24 6.80 -5.61 -6.85
C LEU A 24 5.69 -6.61 -6.51
N GLY A 25 4.88 -6.95 -7.48
CA GLY A 25 3.76 -7.83 -7.24
C GLY A 25 2.66 -7.18 -6.41
N ILE A 26 2.29 -5.94 -6.73
CA ILE A 26 1.15 -5.27 -6.12
C ILE A 26 0.40 -4.51 -7.21
N SER A 27 -0.85 -4.17 -6.91
CA SER A 27 -1.55 -3.04 -7.54
C SER A 27 -1.88 -2.02 -6.47
N ILE A 28 -1.89 -0.77 -6.87
CA ILE A 28 -2.35 0.30 -6.02
C ILE A 28 -3.57 0.95 -6.64
N ALA A 29 -4.37 1.57 -5.78
CA ALA A 29 -5.60 2.25 -6.17
C ALA A 29 -5.75 3.53 -5.34
N GLY A 30 -6.54 4.46 -5.86
CA GLY A 30 -6.83 5.67 -5.14
C GLY A 30 -5.89 6.79 -5.52
N GLY A 31 -5.97 7.85 -4.73
CA GLY A 31 -5.19 9.03 -4.97
C GLY A 31 -6.04 10.28 -5.00
N LYS A 32 -5.42 11.43 -4.75
CA LYS A 32 -6.12 12.71 -4.79
C LYS A 32 -6.73 12.94 -6.14
N GLY A 33 -8.04 13.22 -6.16
CA GLY A 33 -8.78 13.38 -7.38
C GLY A 33 -9.34 12.10 -7.96
N SER A 34 -8.93 10.94 -7.46
CA SER A 34 -9.52 9.68 -7.89
C SER A 34 -10.60 9.23 -6.92
N THR A 35 -11.36 8.28 -7.36
CA THR A 35 -12.39 7.70 -6.52
C THR A 35 -11.76 7.01 -5.32
N PRO A 36 -12.25 7.27 -4.11
CA PRO A 36 -11.63 6.64 -2.93
C PRO A 36 -11.67 5.12 -2.97
N TYR A 37 -10.54 4.50 -2.61
CA TYR A 37 -10.53 3.05 -2.46
C TYR A 37 -11.45 2.61 -1.31
N LYS A 38 -11.53 3.42 -0.27
CA LYS A 38 -12.20 3.03 0.97
C LYS A 38 -12.81 4.28 1.56
N GLY A 39 -14.10 4.22 1.90
CA GLY A 39 -14.71 5.34 2.57
C GLY A 39 -14.64 6.56 1.68
N ASP A 40 -14.24 7.68 2.29
CA ASP A 40 -13.96 8.94 1.62
C ASP A 40 -12.46 9.25 1.60
N ASP A 41 -11.62 8.26 1.88
CA ASP A 41 -10.18 8.46 2.03
C ASP A 41 -9.52 8.43 0.66
N GLU A 42 -8.85 9.52 0.27
CA GLU A 42 -8.27 9.64 -1.06
C GLU A 42 -6.83 9.17 -1.09
N GLY A 43 -6.40 8.42 -0.10
CA GLY A 43 -5.03 7.96 -0.02
C GLY A 43 -4.76 6.87 -1.04
N ILE A 44 -3.53 6.40 -0.99
CA ILE A 44 -3.02 5.35 -1.86
C ILE A 44 -3.13 4.02 -1.12
N PHE A 45 -3.86 3.06 -1.70
CA PHE A 45 -4.09 1.76 -1.06
C PHE A 45 -3.58 0.64 -1.95
N ILE A 46 -3.09 -0.42 -1.30
CA ILE A 46 -2.77 -1.69 -1.94
C ILE A 46 -4.09 -2.38 -2.27
N SER A 47 -4.44 -2.49 -3.56
CA SER A 47 -5.68 -3.14 -3.99
C SER A 47 -5.48 -4.59 -4.37
N ARG A 48 -4.26 -5.00 -4.68
CA ARG A 48 -3.97 -6.40 -5.01
C ARG A 48 -2.55 -6.72 -4.56
N VAL A 49 -2.33 -7.99 -4.19
CA VAL A 49 -1.01 -8.52 -3.86
C VAL A 49 -0.84 -9.87 -4.56
N SER A 50 0.20 -9.99 -5.37
CA SER A 50 0.46 -11.24 -6.07
C SER A 50 0.85 -12.33 -5.08
N GLU A 51 0.16 -13.47 -5.14
CA GLU A 51 0.53 -14.62 -4.31
C GLU A 51 2.01 -14.95 -4.42
N GLU A 52 2.66 -15.06 -3.27
CA GLU A 52 4.08 -15.42 -3.17
C GLU A 52 5.02 -14.47 -3.93
N GLY A 53 4.56 -13.28 -4.35
CA GLY A 53 5.44 -12.31 -4.97
C GLY A 53 6.24 -11.53 -3.94
N PRO A 54 7.09 -10.61 -4.43
CA PRO A 54 7.96 -9.85 -3.51
C PRO A 54 7.21 -9.17 -2.38
N ALA A 55 6.13 -8.46 -2.72
CA ALA A 55 5.35 -7.74 -1.72
C ALA A 55 4.72 -8.70 -0.71
N ALA A 56 4.12 -9.78 -1.20
CA ALA A 56 3.53 -10.77 -0.28
C ALA A 56 4.56 -11.28 0.70
N ARG A 57 5.75 -11.61 0.20
CA ARG A 57 6.81 -12.15 1.05
C ARG A 57 7.32 -11.12 2.02
N ALA A 58 7.21 -9.84 1.69
CA ALA A 58 7.59 -8.79 2.63
C ALA A 58 6.51 -8.52 3.68
N GLY A 59 5.32 -9.12 3.53
CA GLY A 59 4.21 -8.92 4.43
C GLY A 59 3.20 -7.87 4.06
N VAL A 60 3.20 -7.38 2.81
CA VAL A 60 2.17 -6.45 2.37
C VAL A 60 0.84 -7.18 2.24
N ARG A 61 -0.25 -6.51 2.61
CA ARG A 61 -1.60 -7.08 2.51
C ARG A 61 -2.52 -6.15 1.75
N VAL A 62 -3.49 -6.74 1.03
CA VAL A 62 -4.55 -5.96 0.40
C VAL A 62 -5.19 -5.07 1.45
N GLY A 63 -5.51 -3.85 1.06
CA GLY A 63 -6.10 -2.88 1.93
C GLY A 63 -5.11 -2.06 2.75
N ASP A 64 -3.83 -2.40 2.70
CA ASP A 64 -2.82 -1.58 3.38
C ASP A 64 -2.82 -0.19 2.75
N LYS A 65 -2.73 0.85 3.58
CA LYS A 65 -2.65 2.23 3.09
C LYS A 65 -1.19 2.65 3.05
N LEU A 66 -0.73 3.09 1.87
CA LEU A 66 0.67 3.45 1.69
C LEU A 66 0.91 4.89 2.10
N LEU A 67 1.77 5.07 3.09
CA LEU A 67 2.07 6.37 3.66
C LEU A 67 3.38 6.97 3.16
N GLU A 68 4.40 6.15 2.95
CA GLU A 68 5.69 6.68 2.52
C GLU A 68 6.46 5.58 1.83
N VAL A 69 7.33 5.97 0.88
CA VAL A 69 8.15 5.01 0.16
C VAL A 69 9.58 5.57 0.07
N ASN A 70 10.53 4.87 0.65
CA ASN A 70 11.94 5.29 0.68
C ASN A 70 12.11 6.79 0.98
N GLY A 71 11.44 7.24 2.04
CA GLY A 71 11.53 8.62 2.51
C GLY A 71 10.72 9.65 1.73
N VAL A 72 9.90 9.21 0.79
CA VAL A 72 8.97 10.09 0.06
C VAL A 72 7.58 9.89 0.63
N ALA A 73 7.01 10.95 1.20
CA ALA A 73 5.70 10.87 1.82
C ALA A 73 4.60 10.96 0.77
N LEU A 74 3.56 10.16 0.92
CA LEU A 74 2.53 10.12 -0.12
C LEU A 74 1.29 10.94 0.25
N GLN A 75 1.32 11.67 1.37
CA GLN A 75 0.18 12.48 1.75
C GLN A 75 -0.15 13.47 0.65
N GLY A 76 -1.41 13.54 0.26
CA GLY A 76 -1.79 14.40 -0.83
C GLY A 76 -1.44 13.93 -2.21
N ALA A 77 -0.90 12.73 -2.38
CA ALA A 77 -0.47 12.32 -3.71
C ALA A 77 -1.66 12.01 -4.61
N GLU A 78 -1.54 12.46 -5.85
CA GLU A 78 -2.33 11.95 -6.95
C GLU A 78 -1.88 10.54 -7.27
N HIS A 79 -2.73 9.79 -7.97
CA HIS A 79 -2.37 8.40 -8.27
C HIS A 79 -1.04 8.30 -9.00
N HIS A 80 -0.84 9.08 -10.08
CA HIS A 80 0.37 8.92 -10.86
C HIS A 80 1.63 9.27 -10.06
N GLU A 81 1.50 10.15 -9.08
CA GLU A 81 2.66 10.49 -8.25
C GLU A 81 3.09 9.29 -7.42
N ALA A 82 2.15 8.57 -6.83
CA ALA A 82 2.47 7.33 -6.14
C ALA A 82 3.03 6.28 -7.10
N VAL A 83 2.44 6.13 -8.29
CA VAL A 83 3.01 5.20 -9.28
C VAL A 83 4.48 5.54 -9.50
N GLU A 84 4.75 6.82 -9.73
CA GLU A 84 6.12 7.27 -10.02
C GLU A 84 7.04 6.96 -8.85
N ALA A 85 6.56 7.19 -7.63
CA ALA A 85 7.36 6.94 -6.43
C ALA A 85 7.73 5.47 -6.29
N LEU A 86 6.82 4.56 -6.68
CA LEU A 86 7.08 3.13 -6.56
C LEU A 86 7.89 2.64 -7.74
N ARG A 87 7.57 3.15 -8.92
CA ARG A 87 8.24 2.70 -10.12
C ARG A 87 9.73 2.98 -10.04
N GLY A 88 10.08 4.14 -9.47
CA GLY A 88 11.45 4.60 -9.46
C GLY A 88 12.21 4.23 -8.22
N ALA A 89 11.65 3.36 -7.36
CA ALA A 89 12.16 3.16 -6.00
C ALA A 89 13.32 2.17 -5.91
N GLY A 90 13.76 1.60 -7.02
CA GLY A 90 14.97 0.79 -6.96
C GLY A 90 14.72 -0.61 -6.48
N THR A 91 15.84 -1.27 -6.09
CA THR A 91 15.76 -2.69 -5.78
C THR A 91 15.12 -2.98 -4.43
N ALA A 92 15.43 -2.21 -3.38
CA ALA A 92 14.80 -2.37 -2.09
C ALA A 92 13.78 -1.24 -1.91
N VAL A 93 12.51 -1.61 -1.72
CA VAL A 93 11.42 -0.66 -1.66
C VAL A 93 10.86 -0.70 -0.23
N GLN A 94 11.30 0.23 0.60
CA GLN A 94 10.86 0.31 2.01
C GLN A 94 9.65 1.21 2.10
N MET A 95 8.56 0.67 2.64
CA MET A 95 7.27 1.31 2.64
C MET A 95 6.78 1.40 4.09
N ARG A 96 6.26 2.53 4.46
CA ARG A 96 5.45 2.64 5.70
C ARG A 96 3.97 2.55 5.32
N VAL A 97 3.25 1.63 5.97
CA VAL A 97 1.85 1.39 5.66
C VAL A 97 1.04 1.46 6.95
N TRP A 98 -0.24 1.76 6.78
CA TRP A 98 -1.26 1.72 7.83
C TRP A 98 -2.22 0.59 7.53
N ARG A 99 -2.61 -0.15 8.56
CA ARG A 99 -3.38 -1.37 8.36
C ARG A 99 -4.39 -1.43 9.49
N GLU A 100 -5.61 -1.85 9.20
CA GLU A 100 -6.63 -1.95 10.24
C GLU A 100 -7.11 -3.39 10.31
N ARG A 101 -7.63 -3.78 11.48
CA ARG A 101 -8.22 -5.10 11.63
C ARG A 101 -9.35 -5.26 10.60
N MET A 102 -9.47 -6.46 10.04
CA MET A 102 -10.54 -6.71 9.05
C MET A 102 -11.66 -7.52 9.69
N ASP B 1 -15.54 10.62 -10.09
CA ASP B 1 -14.12 10.84 -10.32
C ASP B 1 -13.57 9.63 -11.05
N PRO B 2 -12.38 9.74 -11.68
CA PRO B 2 -11.78 8.55 -12.29
C PRO B 2 -11.44 7.49 -11.24
N HIS B 3 -11.56 6.23 -11.63
CA HIS B 3 -11.16 5.09 -10.78
C HIS B 3 -9.83 4.57 -11.31
N SER B 4 -8.79 4.72 -10.52
CA SER B 4 -7.44 4.51 -11.01
C SER B 4 -6.86 3.28 -10.35
N GLU B 5 -6.32 2.34 -11.16
CA GLU B 5 -5.58 1.22 -10.57
C GLU B 5 -4.35 0.92 -11.43
N THR B 6 -3.23 0.63 -10.79
CA THR B 6 -1.96 0.41 -11.48
C THR B 6 -1.25 -0.81 -10.89
N ALA B 7 -0.87 -1.76 -11.75
CA ALA B 7 -0.07 -2.90 -11.34
C ALA B 7 1.41 -2.57 -11.48
N LEU B 8 2.18 -2.92 -10.44
CA LEU B 8 3.58 -2.60 -10.27
C LEU B 8 4.35 -3.83 -9.79
#